data_4IPH
#
_entry.id   4IPH
#
_cell.length_a   38.270
_cell.length_b   54.270
_cell.length_c   54.330
_cell.angle_alpha   90.00
_cell.angle_beta   90.00
_cell.angle_gamma   90.00
#
_symmetry.space_group_name_H-M   'P 21 21 21'
#
loop_
_entity.id
_entity.type
_entity.pdbx_description
1 polymer 'Replication protein A 70 kDa DNA-binding subunit'
2 non-polymer ~{N}-(2,3-dimethylphenyl)-7-oxidanylidene-12-sulfanylidene-5,11-dithia-1,8-diazatricyclo[7.3.0.0^{2,6}]dodeca-2(6),3,9-triene-10-carboxamide
3 water water
#
_entity_poly.entity_id   1
_entity_poly.type   'polypeptide(L)'
_entity_poly.pdbx_seq_one_letter_code
;GSHMVGQLSRGAIAAIMQKGDTNIKPILQVINIRPITTGNSPPRYRLLMSDGLNTLSSFMLATQLNPLVEEEQLSSNCVC
QIHRFIVNTLKDGRRVVILMELEVLKSAEAVGVKIGNPVPYNE
;
_entity_poly.pdbx_strand_id   A
#
loop_
_chem_comp.id
_chem_comp.type
_chem_comp.name
_chem_comp.formula
1FJ non-polymer ~{N}-(2,3-dimethylphenyl)-7-oxidanylidene-12-sulfanylidene-5,11-dithia-1,8-diazatricyclo[7.3.0.0^{2,6}]dodeca-2(6),3,9-triene-10-carboxamide 'C17 H13 N3 O2 S3'
#
# COMPACT_ATOMS: atom_id res chain seq x y z
N GLY A 1 1.57 19.16 -8.19
CA GLY A 1 1.85 19.05 -9.61
C GLY A 1 3.25 18.52 -9.91
N SER A 2 4.12 19.40 -10.40
CA SER A 2 5.47 19.03 -10.83
C SER A 2 6.26 18.37 -9.71
N HIS A 3 7.29 17.60 -10.08
CA HIS A 3 8.03 16.80 -9.12
C HIS A 3 7.04 15.85 -8.43
N MET A 4 6.43 14.97 -9.23
CA MET A 4 5.34 14.12 -8.75
C MET A 4 5.70 13.22 -7.59
N VAL A 5 6.97 12.85 -7.51
CA VAL A 5 7.39 11.90 -6.49
C VAL A 5 7.33 12.56 -5.12
N GLY A 6 7.31 13.88 -5.09
CA GLY A 6 7.19 14.64 -3.85
C GLY A 6 5.81 14.51 -3.19
N GLN A 7 4.88 13.88 -3.91
CA GLN A 7 3.56 13.59 -3.39
C GLN A 7 3.59 12.38 -2.45
N LEU A 8 4.65 11.57 -2.53
CA LEU A 8 4.71 10.33 -1.77
C LEU A 8 5.75 10.35 -0.63
N SER A 9 5.49 9.57 0.42
CA SER A 9 6.37 9.51 1.58
C SER A 9 7.65 8.70 1.28
N ARG A 10 8.52 9.27 0.46
CA ARG A 10 9.78 8.62 0.12
C ARG A 10 10.53 8.23 1.39
N GLY A 11 10.85 6.94 1.50
CA GLY A 11 11.59 6.42 2.64
C GLY A 11 10.71 5.67 3.62
N ALA A 12 9.39 5.80 3.46
CA ALA A 12 8.46 5.15 4.39
C ALA A 12 8.53 3.62 4.39
N ILE A 13 8.72 3.02 3.23
CA ILE A 13 8.75 1.57 3.15
C ILE A 13 9.92 1.01 3.97
N ALA A 14 11.11 1.59 3.79
CA ALA A 14 12.28 1.14 4.53
C ALA A 14 12.11 1.35 6.04
N ALA A 15 11.50 2.45 6.43
CA ALA A 15 11.25 2.74 7.84
C ALA A 15 10.33 1.70 8.47
N ILE A 16 9.28 1.33 7.76
CA ILE A 16 8.35 0.31 8.23
C ILE A 16 9.08 -1.02 8.37
N MET A 17 9.91 -1.34 7.40
CA MET A 17 10.60 -2.63 7.39
C MET A 17 11.89 -2.67 8.24
N GLN A 18 12.77 -1.70 8.07
CA GLN A 18 14.02 -1.66 8.87
C GLN A 18 13.77 -1.33 10.35
N LYS A 19 12.97 -0.30 10.62
CA LYS A 19 12.81 0.22 11.98
C LYS A 19 11.53 -0.22 12.66
N GLY A 20 10.51 -0.56 11.88
CA GLY A 20 9.25 -1.00 12.44
C GLY A 20 8.43 0.17 12.94
N ASP A 21 8.74 1.35 12.41
CA ASP A 21 8.03 2.58 12.76
C ASP A 21 6.54 2.39 12.49
N THR A 22 5.72 2.56 13.53
CA THR A 22 4.29 2.27 13.42
C THR A 22 3.40 3.49 13.64
N ASN A 23 3.99 4.60 14.09
CA ASN A 23 3.23 5.81 14.36
C ASN A 23 3.15 6.76 13.17
N ILE A 24 3.87 6.43 12.09
CA ILE A 24 3.88 7.27 10.90
C ILE A 24 2.59 7.06 10.12
N LYS A 25 2.22 8.04 9.30
CA LYS A 25 1.01 7.99 8.48
C LYS A 25 1.38 8.23 7.02
N PRO A 26 2.06 7.25 6.40
CA PRO A 26 2.73 7.46 5.10
C PRO A 26 1.77 7.58 3.93
N ILE A 27 2.16 8.37 2.93
CA ILE A 27 1.37 8.53 1.71
C ILE A 27 2.01 7.66 0.64
N LEU A 28 1.24 6.69 0.13
CA LEU A 28 1.74 5.68 -0.80
C LEU A 28 0.86 5.64 -2.03
N GLN A 29 1.39 5.12 -3.13
CA GLN A 29 0.59 4.94 -4.34
C GLN A 29 0.34 3.46 -4.54
N VAL A 30 -0.90 3.12 -4.91
CA VAL A 30 -1.20 1.76 -5.29
C VAL A 30 -0.65 1.48 -6.70
N ILE A 31 0.22 0.48 -6.82
CA ILE A 31 0.72 0.02 -8.12
C ILE A 31 -0.21 -1.05 -8.68
N ASN A 32 -0.51 -2.06 -7.88
CA ASN A 32 -1.44 -3.08 -8.33
C ASN A 32 -2.14 -3.68 -7.14
N ILE A 33 -3.33 -4.23 -7.37
CA ILE A 33 -4.11 -4.94 -6.37
C ILE A 33 -4.59 -6.25 -6.97
N ARG A 34 -4.38 -7.34 -6.27
CA ARG A 34 -4.90 -8.62 -6.72
C ARG A 34 -5.56 -9.37 -5.59
N PRO A 35 -6.60 -10.17 -5.91
CA PRO A 35 -7.20 -11.07 -4.94
C PRO A 35 -6.23 -12.18 -4.65
N ILE A 36 -6.36 -12.81 -3.49
CA ILE A 36 -5.63 -14.03 -3.24
C ILE A 36 -6.59 -15.14 -2.84
N THR A 37 -6.25 -16.37 -3.19
CA THR A 37 -7.14 -17.51 -2.99
C THR A 37 -7.41 -17.80 -1.50
N THR A 38 -8.68 -17.83 -1.12
CA THR A 38 -9.01 -18.00 0.29
C THR A 38 -9.99 -19.15 0.56
N GLY A 39 -10.35 -19.87 -0.48
CA GLY A 39 -11.22 -21.02 -0.32
C GLY A 39 -12.64 -20.63 0.02
N ASN A 40 -13.01 -20.76 1.30
CA ASN A 40 -14.38 -20.53 1.73
C ASN A 40 -14.53 -19.29 2.59
N SER A 41 -13.55 -18.39 2.48
CA SER A 41 -13.53 -17.16 3.26
C SER A 41 -13.77 -15.95 2.36
N PRO A 42 -14.21 -14.82 2.92
CA PRO A 42 -14.34 -13.60 2.14
C PRO A 42 -13.03 -13.26 1.44
N PRO A 43 -13.10 -12.58 0.29
CA PRO A 43 -11.88 -12.31 -0.48
C PRO A 43 -10.85 -11.54 0.35
N ARG A 44 -9.57 -11.80 0.09
CA ARG A 44 -8.48 -10.96 0.61
C ARG A 44 -7.73 -10.32 -0.56
N TYR A 45 -7.28 -9.07 -0.36
CA TYR A 45 -6.54 -8.35 -1.39
C TYR A 45 -5.12 -8.07 -0.93
N ARG A 46 -4.16 -8.40 -1.81
CA ARG A 46 -2.75 -8.10 -1.61
C ARG A 46 -2.40 -6.89 -2.48
N LEU A 47 -1.66 -5.92 -1.94
CA LEU A 47 -1.35 -4.72 -2.69
C LEU A 47 0.15 -4.56 -2.90
N LEU A 48 0.53 -4.21 -4.13
CA LEU A 48 1.88 -3.75 -4.41
C LEU A 48 1.81 -2.24 -4.31
N MET A 49 2.52 -1.66 -3.34
CA MET A 49 2.47 -0.21 -3.16
CA MET A 49 2.48 -0.21 -3.07
C MET A 49 3.84 0.43 -3.29
N SER A 50 3.84 1.75 -3.50
CA SER A 50 5.07 2.47 -3.76
C SER A 50 5.17 3.70 -2.90
N ASP A 51 6.36 4.00 -2.40
CA ASP A 51 6.53 5.24 -1.66
C ASP A 51 7.33 6.24 -2.49
N GLY A 52 7.48 5.94 -3.77
CA GLY A 52 8.29 6.81 -4.62
C GLY A 52 9.71 6.32 -4.78
N LEU A 53 10.26 5.73 -3.73
CA LEU A 53 11.63 5.20 -3.78
C LEU A 53 11.60 3.71 -4.01
N ASN A 54 10.79 3.03 -3.21
CA ASN A 54 10.69 1.57 -3.23
C ASN A 54 9.25 1.13 -3.53
N THR A 55 9.11 -0.07 -4.08
CA THR A 55 7.84 -0.78 -4.02
C THR A 55 7.92 -1.92 -3.01
N LEU A 56 6.78 -2.35 -2.50
CA LEU A 56 6.74 -3.51 -1.60
C LEU A 56 5.45 -4.28 -1.87
N SER A 57 5.55 -5.60 -1.98
CA SER A 57 4.45 -6.40 -2.48
C SER A 57 3.66 -7.10 -1.39
N SER A 58 4.07 -6.91 -0.14
CA SER A 58 3.44 -7.66 0.95
C SER A 58 2.49 -6.88 1.84
N PHE A 59 1.83 -5.89 1.27
CA PHE A 59 0.70 -5.24 1.95
C PHE A 59 -0.56 -6.07 1.77
N MET A 60 -1.31 -6.23 2.87
CA MET A 60 -2.58 -6.93 2.90
C MET A 60 -3.65 -5.98 3.39
N LEU A 61 -4.76 -5.88 2.67
CA LEU A 61 -5.89 -5.07 3.09
C LEU A 61 -6.69 -5.80 4.15
N ALA A 62 -7.04 -5.11 5.24
CA ALA A 62 -7.97 -5.66 6.22
C ALA A 62 -9.30 -5.85 5.52
N THR A 63 -9.98 -6.94 5.80
CA THR A 63 -11.20 -7.29 5.07
C THR A 63 -12.28 -6.22 5.24
N GLN A 64 -12.24 -5.49 6.34
CA GLN A 64 -13.21 -4.41 6.56
C GLN A 64 -13.05 -3.32 5.50
N LEU A 65 -11.91 -3.29 4.82
CA LEU A 65 -11.68 -2.29 3.77
C LEU A 65 -11.98 -2.83 2.39
N ASN A 66 -12.39 -4.11 2.31
CA ASN A 66 -12.77 -4.68 1.01
C ASN A 66 -13.69 -3.82 0.13
N PRO A 67 -14.70 -3.14 0.72
CA PRO A 67 -15.60 -2.38 -0.17
C PRO A 67 -14.92 -1.28 -0.99
N LEU A 68 -13.81 -0.72 -0.49
CA LEU A 68 -13.06 0.30 -1.25
C LEU A 68 -12.55 -0.26 -2.57
N VAL A 69 -12.23 -1.54 -2.57
CA VAL A 69 -11.69 -2.19 -3.74
C VAL A 69 -12.85 -2.61 -4.63
N GLU A 70 -13.87 -3.21 -4.04
CA GLU A 70 -15.01 -3.68 -4.80
C GLU A 70 -15.81 -2.53 -5.43
N GLU A 71 -15.83 -1.36 -4.80
CA GLU A 71 -16.51 -0.23 -5.41
C GLU A 71 -15.55 0.69 -6.15
N GLU A 72 -14.31 0.24 -6.29
CA GLU A 72 -13.34 0.86 -7.18
C GLU A 72 -12.73 2.19 -6.74
N GLN A 73 -12.87 2.55 -5.47
CA GLN A 73 -12.21 3.76 -4.98
C GLN A 73 -10.74 3.49 -4.81
N LEU A 74 -10.42 2.26 -4.42
CA LEU A 74 -9.04 1.85 -4.23
C LEU A 74 -8.66 0.99 -5.43
N SER A 75 -7.85 1.56 -6.32
CA SER A 75 -7.43 0.84 -7.52
C SER A 75 -6.06 1.33 -7.96
N SER A 76 -5.44 0.62 -8.92
CA SER A 76 -4.09 0.94 -9.38
C SER A 76 -3.94 2.44 -9.73
N ASN A 77 -2.83 3.02 -9.27
CA ASN A 77 -2.45 4.44 -9.48
C ASN A 77 -2.97 5.41 -8.42
N CYS A 78 -3.98 5.01 -7.65
CA CYS A 78 -4.53 5.94 -6.69
C CYS A 78 -3.51 6.20 -5.61
N VAL A 79 -3.57 7.38 -4.99
CA VAL A 79 -2.64 7.74 -3.94
C VAL A 79 -3.38 7.78 -2.60
N CYS A 80 -2.86 7.08 -1.59
CA CYS A 80 -3.56 6.91 -0.31
CA CYS A 80 -3.58 7.01 -0.33
C CYS A 80 -2.68 7.27 0.86
N GLN A 81 -3.30 7.66 1.96
CA GLN A 81 -2.56 7.89 3.19
C GLN A 81 -2.95 6.78 4.17
N ILE A 82 -1.95 6.07 4.66
CA ILE A 82 -2.21 4.99 5.62
C ILE A 82 -2.32 5.57 7.03
N HIS A 83 -3.42 5.28 7.71
CA HIS A 83 -3.67 5.86 9.03
C HIS A 83 -3.45 4.89 10.18
N ARG A 84 -3.65 3.60 9.92
CA ARG A 84 -3.37 2.57 10.92
C ARG A 84 -2.92 1.31 10.21
N PHE A 85 -1.78 0.75 10.63
CA PHE A 85 -1.32 -0.50 10.05
C PHE A 85 -0.57 -1.29 11.10
N ILE A 86 -0.41 -2.59 10.86
CA ILE A 86 0.41 -3.41 11.75
C ILE A 86 1.34 -4.27 10.92
N VAL A 87 2.50 -4.58 11.47
CA VAL A 87 3.43 -5.45 10.78
C VAL A 87 3.31 -6.83 11.42
N ASN A 88 3.19 -7.87 10.61
CA ASN A 88 3.20 -9.23 11.16
C ASN A 88 4.29 -10.10 10.53
N THR A 89 4.95 -10.91 11.36
CA THR A 89 6.05 -11.74 10.88
C THR A 89 5.60 -13.21 10.83
N LEU A 90 5.78 -13.85 9.67
CA LEU A 90 5.40 -15.25 9.48
C LEU A 90 6.47 -16.20 10.00
N LYS A 91 6.14 -17.50 10.08
CA LYS A 91 7.04 -18.52 10.62
C LYS A 91 8.34 -18.53 9.87
N ASP A 92 8.27 -18.30 8.55
CA ASP A 92 9.46 -18.39 7.70
C ASP A 92 10.28 -17.11 7.69
N GLY A 93 9.84 -16.12 8.47
CA GLY A 93 10.57 -14.88 8.65
C GLY A 93 10.11 -13.72 7.77
N ARG A 94 9.28 -14.01 6.79
CA ARG A 94 8.77 -12.95 5.93
C ARG A 94 7.87 -12.05 6.74
N ARG A 95 7.72 -10.81 6.30
CA ARG A 95 6.87 -9.87 7.01
C ARG A 95 5.78 -9.31 6.11
N VAL A 96 4.60 -9.13 6.69
CA VAL A 96 3.47 -8.57 5.96
C VAL A 96 2.94 -7.34 6.68
N VAL A 97 2.49 -6.38 5.89
CA VAL A 97 1.97 -5.16 6.47
C VAL A 97 0.47 -5.18 6.24
N ILE A 98 -0.30 -5.14 7.33
CA ILE A 98 -1.75 -5.16 7.19
C ILE A 98 -2.28 -3.74 7.31
N LEU A 99 -2.91 -3.27 6.25
CA LEU A 99 -3.55 -1.94 6.22
C LEU A 99 -4.92 -1.96 6.90
N MET A 100 -5.06 -1.20 7.99
CA MET A 100 -6.27 -1.23 8.82
C MET A 100 -7.21 -0.06 8.54
N GLU A 101 -6.62 1.13 8.44
CA GLU A 101 -7.35 2.34 8.09
C GLU A 101 -6.53 3.05 7.04
N LEU A 102 -7.19 3.49 5.98
CA LEU A 102 -6.51 4.34 5.02
C LEU A 102 -7.50 5.30 4.40
N GLU A 103 -6.98 6.36 3.81
CA GLU A 103 -7.77 7.33 3.08
CA GLU A 103 -7.85 7.18 2.99
C GLU A 103 -7.22 7.52 1.66
N VAL A 104 -8.09 7.54 0.67
CA VAL A 104 -7.64 7.77 -0.68
C VAL A 104 -7.53 9.27 -0.85
N LEU A 105 -6.32 9.77 -1.07
CA LEU A 105 -6.10 11.20 -1.24
C LEU A 105 -6.41 11.64 -2.67
N LYS A 106 -6.06 10.80 -3.64
CA LYS A 106 -6.27 11.13 -5.04
C LYS A 106 -6.68 9.89 -5.78
N SER A 107 -7.70 10.00 -6.62
CA SER A 107 -8.19 8.86 -7.37
C SER A 107 -7.21 8.40 -8.44
N ALA A 108 -7.35 7.14 -8.85
CA ALA A 108 -6.59 6.57 -9.95
C ALA A 108 -6.74 7.42 -11.20
N GLU A 109 -7.93 7.95 -11.42
CA GLU A 109 -8.21 8.77 -12.60
C GLU A 109 -7.52 10.14 -12.51
N ALA A 110 -7.44 10.68 -11.30
CA ALA A 110 -6.80 11.98 -11.06
C ALA A 110 -5.27 11.92 -11.05
N VAL A 111 -4.71 10.73 -10.89
CA VAL A 111 -3.26 10.57 -10.88
C VAL A 111 -2.82 10.01 -12.23
N GLY A 112 -3.41 8.90 -12.62
CA GLY A 112 -3.31 8.40 -14.00
C GLY A 112 -2.07 7.61 -14.41
N VAL A 113 -1.01 7.69 -13.63
CA VAL A 113 0.25 7.02 -13.98
C VAL A 113 0.98 6.57 -12.73
N LYS A 114 1.93 5.65 -12.89
CA LYS A 114 2.82 5.30 -11.80
C LYS A 114 3.77 6.47 -11.58
N ILE A 115 3.91 6.90 -10.34
CA ILE A 115 4.77 8.03 -10.03
C ILE A 115 6.23 7.62 -9.84
N GLY A 116 7.13 8.31 -10.53
CA GLY A 116 8.57 8.08 -10.40
C GLY A 116 9.01 6.72 -10.91
N ASN A 117 10.17 6.23 -10.44
CA ASN A 117 10.63 4.89 -10.80
C ASN A 117 11.10 4.12 -9.58
N PRO A 118 10.15 3.74 -8.72
CA PRO A 118 10.55 3.01 -7.50
C PRO A 118 11.08 1.62 -7.82
N VAL A 119 11.94 1.10 -6.95
CA VAL A 119 12.54 -0.21 -7.16
C VAL A 119 12.15 -1.13 -6.03
N PRO A 120 12.07 -2.45 -6.32
CA PRO A 120 11.58 -3.39 -5.31
C PRO A 120 12.45 -3.35 -4.08
N TYR A 121 11.81 -3.29 -2.91
CA TYR A 121 12.52 -3.38 -1.64
C TYR A 121 12.84 -4.85 -1.37
N ASN A 122 14.08 -5.12 -0.98
CA ASN A 122 14.52 -6.48 -0.71
C ASN A 122 14.57 -6.71 0.78
N GLU A 123 13.60 -7.49 1.28
CA GLU A 123 13.46 -7.86 2.70
C GLU A 123 12.62 -6.85 3.49
C10 1FJ B . -1.66 -11.51 9.17
C13 1FJ B . -5.69 -8.04 12.75
C17 1FJ B . -6.93 -7.42 12.47
C20 1FJ B . -2.30 -13.28 4.62
C21 1FJ B . -0.78 -13.31 6.91
C22 1FJ B . -0.32 -13.97 5.79
C24 1FJ B . -1.09 -13.95 4.64
N01 1FJ B . -3.89 -9.49 11.48
C02 1FJ B . -3.56 -10.07 10.31
C03 1FJ B . -2.29 -10.79 10.30
C04 1FJ B . -2.93 -9.69 12.51
C05 1FJ B . -5.11 -8.75 11.61
C06 1FJ B . -5.94 -8.66 10.47
N07 1FJ B . -4.37 -9.98 9.21
S08 1FJ B . -1.69 -10.62 11.85
C09 1FJ B . -5.53 -9.30 9.26
N11 1FJ B . -2.48 -11.95 8.08
S12 1FJ B . -7.31 -7.74 10.86
C14 1FJ B . -1.99 -12.64 6.91
S15 1FJ B . -2.88 -9.16 14.19
C16 1FJ B . -2.77 -12.62 5.76
O18 1FJ B . -6.26 -9.22 8.27
O19 1FJ B . -0.45 -11.69 9.20
C23 1FJ B . -4.08 -11.86 5.84
C25 1FJ B . -3.07 -13.32 3.35
C10 1FJ C . -2.73 -15.28 9.24
C13 1FJ C . -6.01 -12.12 13.77
C17 1FJ C . -7.22 -11.41 13.77
C20 1FJ C . -4.21 -16.58 4.75
C21 1FJ C . -2.49 -17.21 6.85
C22 1FJ C . -2.29 -17.77 5.60
C24 1FJ C . -3.14 -17.45 4.56
N01 1FJ C . -4.47 -13.47 12.11
C02 1FJ C . -4.33 -13.91 10.84
C03 1FJ C . -3.13 -14.68 10.55
C04 1FJ C . -3.40 -13.84 12.96
C05 1FJ C . -5.61 -12.70 12.49
C06 1FJ C . -6.58 -12.42 11.50
N07 1FJ C . -5.26 -13.64 9.87
S08 1FJ C . -2.32 -14.74 12.02
C09 1FJ C . -6.38 -12.91 10.16
N11 1FJ C . -3.77 -15.74 8.36
S12 1FJ C . -7.84 -11.51 12.20
C14 1FJ C . -3.54 -16.33 7.06
S15 1FJ C . -3.10 -13.54 14.69
C16 1FJ C . -4.41 -16.00 6.02
O18 1FJ C . -7.20 -12.69 9.29
O19 1FJ C . -1.54 -15.36 8.96
C23 1FJ C . -5.53 -15.06 6.34
C25 1FJ C . -5.09 -16.29 3.57
#